data_3VCL
#
_entry.id   3VCL
#
_cell.length_a   65.786
_cell.length_b   65.786
_cell.length_c   237.107
_cell.angle_alpha   90.00
_cell.angle_beta   90.00
_cell.angle_gamma   90.00
#
_symmetry.space_group_name_H-M   'P 41 21 2'
#
loop_
_entity.id
_entity.type
_entity.pdbx_description
1 polymer 'HLA class I histocompatibility antigen, B-7 alpha chain'
2 polymer Beta-2-microglobulin
3 polymer 'peptide from Tegument protein pp65'
4 non-polymer 'NICKEL (II) ION'
5 non-polymer GLYCEROL
6 water water
#
loop_
_entity_poly.entity_id
_entity_poly.type
_entity_poly.pdbx_seq_one_letter_code
_entity_poly.pdbx_strand_id
1 'polypeptide(L)'
;GSHSMRYFYTSVSRPGRGEPRFISVGYVDDTQFVRFDSDAASPREEPRAPWIEQEGPEYWDRNTQIYKAQAQTDRESLRN
LRGYYNQSEAGSHTLQSMYGCDVGPDGRLLRGHDQYAYDGKDYIALNEDLRSWTAADTAAQITQRKWEAAREAEQRRAYL
EGECVEWLRRYLENGKDKLERADPPKTHVTHHPISDHEATLRCWALGFYPAEITLTWQRDGEDQTQDTELVETRPAGDRT
FQKWAAVVVPSGEEQRYTCHVQHEGLPKPLTLRWE
;
A
2 'polypeptide(L)'
;IQRTPKIQVYSRHPAENGKSNFLNCYVSGFHPSDIEVDLLKNGERIEKVEHSDLSFSKDWSFYLLYYTEFTPTEKDEYAC
RVNHVTLSQPKIVKWDRDM
;
B
3 'polypeptide(L)' RPHERNGFTVL C
#
# COMPACT_ATOMS: atom_id res chain seq x y z
N GLY A 1 6.03 -11.44 17.32
CA GLY A 1 6.67 -10.34 16.67
C GLY A 1 5.75 -9.24 17.08
N SER A 2 5.99 -8.05 16.58
CA SER A 2 4.99 -7.02 16.73
C SER A 2 4.17 -7.06 15.47
N HIS A 3 2.85 -7.05 15.61
CA HIS A 3 1.94 -7.22 14.48
C HIS A 3 0.86 -6.16 14.47
N SER A 4 0.31 -5.85 13.29
CA SER A 4 -0.74 -4.85 13.24
C SER A 4 -1.94 -5.35 12.40
N MET A 5 -3.11 -4.82 12.69
CA MET A 5 -4.24 -4.96 11.75
C MET A 5 -4.68 -3.55 11.38
N ARG A 6 -4.98 -3.31 10.11
CA ARG A 6 -5.48 -1.97 9.71
C ARG A 6 -6.55 -2.10 8.60
N TYR A 7 -7.55 -1.22 8.68
CA TYR A 7 -8.51 -1.05 7.60
C TYR A 7 -8.26 0.33 7.00
N PHE A 8 -8.33 0.45 5.67
CA PHE A 8 -8.13 1.72 4.95
C PHE A 8 -9.41 1.93 4.13
N TYR A 9 -10.15 2.99 4.44
CA TYR A 9 -11.37 3.36 3.65
C TYR A 9 -11.13 4.58 2.80
N THR A 10 -11.63 4.56 1.57
CA THR A 10 -11.55 5.75 0.73
C THR A 10 -12.91 6.01 0.13
N SER A 11 -13.50 7.20 0.36
CA SER A 11 -14.72 7.58 -0.32
C SER A 11 -14.43 8.78 -1.20
N VAL A 12 -14.92 8.79 -2.43
CA VAL A 12 -14.64 9.87 -3.34
C VAL A 12 -15.95 10.36 -3.98
N SER A 13 -16.32 11.61 -3.73
CA SER A 13 -17.60 12.07 -4.30
C SER A 13 -17.45 12.38 -5.77
N ARG A 14 -18.56 12.38 -6.45
CA ARG A 14 -18.62 12.61 -7.90
C ARG A 14 -20.00 13.23 -8.15
N PRO A 15 -20.23 14.48 -7.67
CA PRO A 15 -21.59 15.03 -7.78
C PRO A 15 -22.08 15.11 -9.24
N GLY A 16 -23.32 14.66 -9.49
CA GLY A 16 -23.84 14.56 -10.82
C GLY A 16 -23.75 13.15 -11.39
N ARG A 17 -22.89 12.30 -10.80
CA ARG A 17 -22.69 10.95 -11.32
C ARG A 17 -23.13 9.90 -10.30
N GLY A 18 -23.81 10.34 -9.24
CA GLY A 18 -24.37 9.42 -8.27
C GLY A 18 -23.66 9.44 -6.93
N GLU A 19 -23.90 8.43 -6.09
CA GLU A 19 -23.30 8.45 -4.77
C GLU A 19 -21.78 8.21 -4.77
N PRO A 20 -21.07 8.68 -3.74
CA PRO A 20 -19.62 8.58 -3.75
C PRO A 20 -19.20 7.10 -3.88
N ARG A 21 -18.07 6.83 -4.55
CA ARG A 21 -17.54 5.49 -4.54
C ARG A 21 -16.83 5.23 -3.20
N PHE A 22 -17.15 4.11 -2.55
CA PHE A 22 -16.51 3.69 -1.30
C PHE A 22 -15.69 2.39 -1.55
N ILE A 23 -14.41 2.43 -1.19
CA ILE A 23 -13.59 1.20 -1.22
C ILE A 23 -12.97 0.98 0.15
N SER A 24 -12.96 -0.27 0.61
CA SER A 24 -12.19 -0.56 1.82
CA SER A 24 -12.22 -0.58 1.83
C SER A 24 -11.25 -1.71 1.56
N VAL A 25 -10.10 -1.68 2.23
CA VAL A 25 -9.19 -2.85 2.21
C VAL A 25 -8.75 -3.08 3.62
N GLY A 26 -8.45 -4.35 3.97
CA GLY A 26 -7.95 -4.67 5.30
C GLY A 26 -6.59 -5.33 5.20
N TYR A 27 -5.68 -5.04 6.12
CA TYR A 27 -4.36 -5.68 6.12
C TYR A 27 -4.06 -6.28 7.48
N VAL A 28 -3.32 -7.41 7.52
CA VAL A 28 -2.61 -7.80 8.71
C VAL A 28 -1.14 -7.66 8.32
N ASP A 29 -0.40 -6.81 9.05
CA ASP A 29 1.01 -6.55 8.69
C ASP A 29 1.04 -6.09 7.25
N ASP A 30 1.90 -6.71 6.43
CA ASP A 30 1.98 -6.27 5.02
C ASP A 30 1.13 -7.11 4.06
N THR A 31 0.18 -7.85 4.60
CA THR A 31 -0.64 -8.77 3.83
C THR A 31 -2.07 -8.30 3.71
N GLN A 32 -2.52 -7.97 2.49
CA GLN A 32 -3.94 -7.59 2.36
C GLN A 32 -4.80 -8.83 2.49
N PHE A 33 -5.92 -8.74 3.24
CA PHE A 33 -6.71 -9.97 3.41
C PHE A 33 -8.17 -9.82 3.04
N VAL A 34 -8.66 -8.58 2.90
CA VAL A 34 -10.05 -8.40 2.47
C VAL A 34 -10.19 -7.12 1.63
N ARG A 35 -11.29 -7.03 0.87
CA ARG A 35 -11.63 -5.82 0.15
CA ARG A 35 -11.64 -5.82 0.15
C ARG A 35 -13.15 -5.70 0.01
N PHE A 36 -13.60 -4.45 -0.18
CA PHE A 36 -15.02 -4.18 -0.55
C PHE A 36 -14.98 -2.99 -1.52
N ASP A 37 -15.84 -3.01 -2.55
CA ASP A 37 -15.94 -1.91 -3.52
C ASP A 37 -17.42 -1.67 -3.87
N SER A 38 -17.91 -0.48 -3.54
CA SER A 38 -19.33 -0.16 -3.67
C SER A 38 -19.77 -0.11 -5.14
N ASP A 39 -18.81 0.01 -6.05
CA ASP A 39 -19.16 0.01 -7.47
C ASP A 39 -19.13 -1.39 -8.07
N ALA A 40 -18.76 -2.39 -7.28
CA ALA A 40 -18.85 -3.80 -7.75
C ALA A 40 -20.26 -4.23 -8.13
N ALA A 41 -20.39 -5.24 -8.98
CA ALA A 41 -21.73 -5.64 -9.45
C ALA A 41 -22.71 -5.94 -8.32
N SER A 42 -22.28 -6.76 -7.36
CA SER A 42 -23.10 -6.95 -6.14
C SER A 42 -22.14 -6.91 -4.97
N PRO A 43 -21.97 -5.71 -4.40
CA PRO A 43 -20.89 -5.41 -3.46
C PRO A 43 -20.89 -6.31 -2.23
N ARG A 44 -19.72 -6.86 -1.92
CA ARG A 44 -19.60 -7.82 -0.84
C ARG A 44 -18.15 -7.76 -0.39
N GLU A 45 -17.90 -7.99 0.91
CA GLU A 45 -16.51 -8.22 1.36
C GLU A 45 -16.00 -9.54 0.75
N GLU A 46 -14.79 -9.46 0.19
CA GLU A 46 -14.15 -10.61 -0.48
C GLU A 46 -12.81 -10.90 0.13
N PRO A 47 -12.44 -12.18 0.13
CA PRO A 47 -11.14 -12.58 0.70
C PRO A 47 -10.01 -12.23 -0.27
N ARG A 48 -8.83 -11.89 0.27
CA ARG A 48 -7.69 -11.63 -0.59
CA ARG A 48 -7.66 -11.52 -0.51
C ARG A 48 -6.41 -12.27 -0.07
N ALA A 49 -6.57 -13.13 0.93
CA ALA A 49 -5.47 -13.96 1.43
C ALA A 49 -6.04 -15.32 1.73
N PRO A 50 -5.25 -16.39 1.60
CA PRO A 50 -5.85 -17.72 1.77
C PRO A 50 -6.37 -18.03 3.17
N TRP A 51 -5.74 -17.46 4.20
CA TRP A 51 -6.07 -17.85 5.57
C TRP A 51 -7.38 -17.25 6.12
N ILE A 52 -7.97 -16.29 5.41
CA ILE A 52 -9.21 -15.67 5.82
C ILE A 52 -10.36 -16.48 5.27
N GLU A 53 -10.09 -17.29 4.25
CA GLU A 53 -11.15 -18.04 3.54
C GLU A 53 -11.96 -18.94 4.48
N GLN A 54 -11.31 -19.42 5.55
CA GLN A 54 -12.02 -20.33 6.51
C GLN A 54 -13.11 -19.68 7.38
N GLU A 55 -13.16 -18.35 7.40
CA GLU A 55 -14.24 -17.64 8.10
C GLU A 55 -15.59 -17.99 7.46
N GLY A 56 -16.58 -18.23 8.30
CA GLY A 56 -17.86 -18.78 7.84
C GLY A 56 -18.73 -17.69 7.21
N PRO A 57 -19.81 -18.08 6.54
CA PRO A 57 -20.76 -17.10 5.96
C PRO A 57 -21.22 -15.97 6.90
N GLU A 58 -21.44 -16.19 8.19
CA GLU A 58 -21.93 -15.09 9.04
C GLU A 58 -20.92 -13.96 9.05
N TYR A 59 -19.64 -14.30 8.91
CA TYR A 59 -18.54 -13.33 8.97
C TYR A 59 -18.64 -12.36 7.79
N TRP A 60 -18.68 -12.95 6.61
CA TRP A 60 -18.75 -12.20 5.36
C TRP A 60 -20.04 -11.41 5.30
N ASP A 61 -21.15 -12.01 5.72
CA ASP A 61 -22.41 -11.28 5.69
C ASP A 61 -22.44 -10.07 6.61
N ARG A 62 -21.95 -10.24 7.84
CA ARG A 62 -21.92 -9.09 8.74
CA ARG A 62 -21.84 -9.11 8.79
C ARG A 62 -21.00 -7.98 8.23
N ASN A 63 -19.83 -8.35 7.70
CA ASN A 63 -18.86 -7.33 7.22
C ASN A 63 -19.46 -6.62 5.99
N THR A 64 -20.13 -7.37 5.12
CA THR A 64 -20.77 -6.73 3.96
C THR A 64 -21.77 -5.67 4.38
N GLN A 65 -22.57 -5.98 5.39
CA GLN A 65 -23.58 -5.00 5.82
C GLN A 65 -22.90 -3.79 6.46
N ILE A 66 -21.81 -4.07 7.18
CA ILE A 66 -21.05 -2.97 7.78
C ILE A 66 -20.50 -2.01 6.72
N TYR A 67 -19.90 -2.56 5.67
CA TYR A 67 -19.36 -1.68 4.62
C TYR A 67 -20.46 -0.84 3.91
N LYS A 68 -21.60 -1.45 3.59
CA LYS A 68 -22.67 -0.75 2.92
C LYS A 68 -23.17 0.41 3.80
N ALA A 69 -23.23 0.17 5.11
CA ALA A 69 -23.65 1.24 6.04
C ALA A 69 -22.56 2.31 6.10
N GLN A 70 -21.30 1.88 6.09
CA GLN A 70 -20.20 2.86 6.15
C GLN A 70 -20.15 3.77 4.90
N ALA A 71 -20.49 3.21 3.75
CA ALA A 71 -20.47 4.01 2.51
C ALA A 71 -21.52 5.13 2.67
N GLN A 72 -22.67 4.79 3.25
CA GLN A 72 -23.75 5.79 3.47
C GLN A 72 -23.33 6.85 4.45
N THR A 73 -22.68 6.39 5.53
CA THR A 73 -22.17 7.31 6.55
C THR A 73 -21.10 8.26 5.99
N ASP A 74 -20.18 7.71 5.20
CA ASP A 74 -19.15 8.58 4.57
C ASP A 74 -19.83 9.59 3.61
N ARG A 75 -20.89 9.17 2.93
CA ARG A 75 -21.59 10.09 2.01
C ARG A 75 -22.14 11.27 2.80
N GLU A 76 -22.70 11.00 3.97
CA GLU A 76 -23.21 12.09 4.81
CA GLU A 76 -23.20 12.11 4.79
C GLU A 76 -22.03 12.93 5.34
N SER A 77 -20.95 12.27 5.74
CA SER A 77 -19.77 12.99 6.21
C SER A 77 -19.22 13.96 5.15
N LEU A 78 -19.14 13.48 3.91
CA LEU A 78 -18.66 14.30 2.77
C LEU A 78 -19.62 15.53 2.56
N ARG A 79 -20.93 15.32 2.63
CA ARG A 79 -21.84 16.47 2.57
C ARG A 79 -21.61 17.46 3.73
N ASN A 80 -21.39 16.93 4.93
CA ASN A 80 -21.14 17.83 6.06
C ASN A 80 -19.85 18.60 5.87
N LEU A 81 -18.81 17.91 5.40
CA LEU A 81 -17.49 18.52 5.23
C LEU A 81 -17.55 19.64 4.20
N ARG A 82 -18.27 19.40 3.10
CA ARG A 82 -18.47 20.38 2.04
C ARG A 82 -19.04 21.65 2.68
N GLY A 83 -20.01 21.48 3.57
CA GLY A 83 -20.63 22.62 4.28
C GLY A 83 -19.69 23.31 5.24
N TYR A 84 -18.94 22.54 6.04
CA TYR A 84 -18.00 23.11 7.02
C TYR A 84 -17.01 24.04 6.32
N TYR A 85 -16.58 23.64 5.12
CA TYR A 85 -15.54 24.38 4.41
C TYR A 85 -16.09 25.34 3.36
N ASN A 86 -17.42 25.49 3.31
CA ASN A 86 -18.06 26.33 2.31
C ASN A 86 -17.66 26.08 0.87
N GLN A 87 -17.57 24.81 0.50
CA GLN A 87 -17.11 24.42 -0.85
C GLN A 87 -18.29 24.25 -1.82
N SER A 88 -18.02 24.44 -3.09
CA SER A 88 -19.05 24.30 -4.11
C SER A 88 -19.65 22.88 -4.11
N GLU A 89 -20.93 22.78 -4.42
CA GLU A 89 -21.51 21.45 -4.52
C GLU A 89 -21.17 20.64 -5.77
N ALA A 90 -20.46 21.25 -6.71
CA ALA A 90 -20.10 20.60 -7.97
C ALA A 90 -18.83 19.73 -7.89
N GLY A 91 -17.94 20.02 -6.97
CA GLY A 91 -16.61 19.37 -7.04
C GLY A 91 -16.49 18.00 -6.41
N SER A 92 -15.51 17.21 -6.86
CA SER A 92 -15.20 15.95 -6.19
C SER A 92 -14.27 16.16 -4.99
N HIS A 93 -14.54 15.42 -3.91
CA HIS A 93 -13.71 15.47 -2.69
C HIS A 93 -13.49 14.10 -2.16
N THR A 94 -12.45 13.97 -1.31
CA THR A 94 -12.02 12.65 -0.87
C THR A 94 -12.04 12.56 0.67
N LEU A 95 -12.66 11.50 1.18
CA LEU A 95 -12.60 11.24 2.64
C LEU A 95 -11.89 9.91 2.85
N GLN A 96 -10.74 9.93 3.56
CA GLN A 96 -10.05 8.68 3.81
C GLN A 96 -10.07 8.42 5.34
N SER A 97 -10.15 7.12 5.69
CA SER A 97 -10.22 6.71 7.12
C SER A 97 -9.20 5.58 7.30
N MET A 98 -8.43 5.57 8.38
CA MET A 98 -7.58 4.39 8.62
C MET A 98 -7.62 4.09 10.10
N TYR A 99 -7.84 2.83 10.45
CA TYR A 99 -7.89 2.51 11.88
C TYR A 99 -7.38 1.10 12.11
N GLY A 100 -7.02 0.79 13.37
CA GLY A 100 -6.58 -0.55 13.69
C GLY A 100 -5.73 -0.61 14.94
N CYS A 101 -5.07 -1.75 15.16
CA CYS A 101 -4.37 -2.03 16.44
C CYS A 101 -2.98 -2.63 16.15
N ASP A 102 -2.02 -2.34 17.03
CA ASP A 102 -0.71 -2.99 17.00
C ASP A 102 -0.66 -3.84 18.27
N VAL A 103 -0.16 -5.08 18.17
CA VAL A 103 -0.01 -5.92 19.37
C VAL A 103 1.43 -6.45 19.46
N GLY A 104 1.89 -6.79 20.67
CA GLY A 104 3.22 -7.36 20.82
C GLY A 104 3.20 -8.89 20.73
N PRO A 105 4.35 -9.53 21.03
CA PRO A 105 4.45 -10.99 20.96
C PRO A 105 3.49 -11.72 21.90
N ASP A 106 3.06 -11.05 22.98
CA ASP A 106 2.17 -11.69 23.98
C ASP A 106 0.72 -11.50 23.56
N GLY A 107 0.50 -10.73 22.48
CA GLY A 107 -0.84 -10.45 22.02
C GLY A 107 -1.52 -9.22 22.65
N ARG A 108 -0.84 -8.55 23.57
CA ARG A 108 -1.43 -7.36 24.21
C ARG A 108 -1.42 -6.17 23.26
N LEU A 109 -2.43 -5.32 23.37
CA LEU A 109 -2.52 -4.09 22.60
C LEU A 109 -1.37 -3.17 22.96
N LEU A 110 -0.63 -2.69 21.95
CA LEU A 110 0.48 -1.76 22.13
C LEU A 110 0.02 -0.34 21.76
N ARG A 111 -0.80 -0.23 20.74
CA ARG A 111 -1.26 1.07 20.26
C ARG A 111 -2.53 0.92 19.42
N GLY A 112 -3.47 1.84 19.57
CA GLY A 112 -4.69 1.83 18.76
C GLY A 112 -4.67 3.05 17.86
N HIS A 113 -5.32 2.97 16.71
CA HIS A 113 -5.29 4.07 15.72
C HIS A 113 -6.68 4.27 15.17
N ASP A 114 -7.10 5.52 14.95
CA ASP A 114 -8.42 5.78 14.33
C ASP A 114 -8.37 7.21 13.78
N GLN A 115 -8.13 7.37 12.48
CA GLN A 115 -7.96 8.76 12.02
C GLN A 115 -8.47 8.99 10.63
N TYR A 116 -8.55 10.28 10.26
CA TYR A 116 -9.29 10.65 9.03
C TYR A 116 -8.56 11.78 8.34
N ALA A 117 -8.65 11.80 7.01
CA ALA A 117 -8.14 12.90 6.19
C ALA A 117 -9.20 13.31 5.18
N TYR A 118 -9.26 14.60 4.93
CA TYR A 118 -10.16 15.17 3.94
C TYR A 118 -9.33 15.85 2.84
N ASP A 119 -9.54 15.43 1.58
CA ASP A 119 -8.74 15.95 0.47
C ASP A 119 -7.24 15.83 0.69
N GLY A 120 -6.86 14.69 1.28
CA GLY A 120 -5.48 14.31 1.53
C GLY A 120 -4.73 15.04 2.63
N LYS A 121 -5.46 15.82 3.43
CA LYS A 121 -4.94 16.48 4.64
C LYS A 121 -5.54 15.90 5.92
N ASP A 122 -4.71 15.78 6.96
CA ASP A 122 -5.26 15.33 8.25
C ASP A 122 -6.43 16.19 8.69
N TYR A 123 -7.47 15.50 9.18
CA TYR A 123 -8.70 16.17 9.58
C TYR A 123 -8.87 15.96 11.10
N ILE A 124 -9.13 14.74 11.54
CA ILE A 124 -9.22 14.51 13.00
C ILE A 124 -8.60 13.13 13.28
N ALA A 125 -8.08 12.93 14.48
CA ALA A 125 -7.45 11.68 14.87
C ALA A 125 -7.67 11.40 16.33
N LEU A 126 -7.94 10.15 16.64
CA LEU A 126 -7.99 9.72 18.04
C LEU A 126 -6.56 9.65 18.59
N ASN A 127 -6.33 10.28 19.74
CA ASN A 127 -4.99 10.28 20.35
C ASN A 127 -4.63 8.93 20.89
N GLU A 128 -3.34 8.74 21.15
CA GLU A 128 -2.85 7.49 21.75
C GLU A 128 -3.56 7.04 23.01
N ASP A 129 -4.03 7.99 23.82
CA ASP A 129 -4.78 7.63 25.01
C ASP A 129 -6.15 6.95 24.76
N LEU A 130 -6.58 6.96 23.48
CA LEU A 130 -7.84 6.38 23.00
C LEU A 130 -9.03 7.06 23.69
N ARG A 131 -8.82 8.30 24.14
CA ARG A 131 -9.82 9.00 24.97
C ARG A 131 -10.01 10.45 24.57
N SER A 132 -9.18 10.97 23.68
CA SER A 132 -9.27 12.38 23.33
C SER A 132 -8.91 12.51 21.84
N TRP A 133 -9.26 13.64 21.24
CA TRP A 133 -9.11 13.90 19.80
C TRP A 133 -8.12 15.01 19.51
N THR A 134 -7.46 14.90 18.36
CA THR A 134 -6.68 16.03 17.84
C THR A 134 -7.37 16.48 16.55
N ALA A 135 -7.86 17.73 16.53
CA ALA A 135 -8.55 18.30 15.36
C ALA A 135 -7.64 19.28 14.60
N ALA A 136 -7.66 19.24 13.27
CA ALA A 136 -6.73 19.99 12.44
C ALA A 136 -7.09 21.48 12.35
N ASP A 137 -8.38 21.81 12.48
CA ASP A 137 -8.84 23.18 12.24
C ASP A 137 -10.25 23.36 12.82
N THR A 138 -10.85 24.52 12.58
CA THR A 138 -12.16 24.82 13.19
C THR A 138 -13.29 23.95 12.63
N ALA A 139 -13.22 23.56 11.36
CA ALA A 139 -14.12 22.50 10.83
C ALA A 139 -14.03 21.22 11.63
N ALA A 140 -12.82 20.69 11.79
CA ALA A 140 -12.64 19.43 12.52
C ALA A 140 -13.06 19.55 14.00
N GLN A 141 -13.03 20.76 14.54
CA GLN A 141 -13.47 20.98 15.91
C GLN A 141 -15.00 20.81 16.01
N ILE A 142 -15.73 21.03 14.90
CA ILE A 142 -17.17 20.78 14.90
C ILE A 142 -17.41 19.28 15.07
N THR A 143 -16.61 18.51 14.35
CA THR A 143 -16.69 17.05 14.38
C THR A 143 -16.28 16.65 15.81
N GLN A 144 -15.21 17.25 16.29
CA GLN A 144 -14.74 16.88 17.65
C GLN A 144 -15.79 17.09 18.73
N ARG A 145 -16.48 18.22 18.68
CA ARG A 145 -17.44 18.53 19.74
C ARG A 145 -18.63 17.56 19.65
N LYS A 146 -19.08 17.27 18.43
CA LYS A 146 -20.13 16.29 18.18
C LYS A 146 -19.75 14.93 18.77
N TRP A 147 -18.52 14.52 18.51
CA TRP A 147 -18.07 13.20 18.96
C TRP A 147 -17.86 13.17 20.46
N GLU A 148 -17.43 14.29 21.04
CA GLU A 148 -17.21 14.31 22.45
C GLU A 148 -18.58 14.19 23.17
N ALA A 149 -19.59 14.88 22.64
CA ALA A 149 -20.91 14.93 23.29
C ALA A 149 -21.57 13.55 23.22
N ALA A 150 -21.26 12.81 22.16
CA ALA A 150 -21.86 11.50 21.92
C ALA A 150 -20.99 10.35 22.45
N ARG A 151 -19.96 10.70 23.20
CA ARG A 151 -19.05 9.69 23.79
C ARG A 151 -18.46 8.74 22.76
N GLU A 152 -18.09 9.28 21.60
CA GLU A 152 -17.54 8.45 20.54
C GLU A 152 -16.25 7.72 20.88
N ALA A 153 -15.31 8.40 21.51
CA ALA A 153 -14.03 7.79 21.85
C ALA A 153 -14.18 6.46 22.59
N GLU A 154 -15.09 6.39 23.56
CA GLU A 154 -15.25 5.17 24.33
CA GLU A 154 -15.32 5.18 24.35
C GLU A 154 -15.70 3.98 23.47
N GLN A 155 -16.53 4.24 22.47
CA GLN A 155 -16.98 3.17 21.59
C GLN A 155 -15.87 2.77 20.60
N ARG A 156 -15.07 3.74 20.17
CA ARG A 156 -13.91 3.44 19.32
C ARG A 156 -12.91 2.60 20.15
N ARG A 157 -12.66 3.05 21.38
CA ARG A 157 -11.73 2.38 22.29
CA ARG A 157 -11.71 2.37 22.27
C ARG A 157 -12.13 0.92 22.54
N ALA A 158 -13.43 0.69 22.74
CA ALA A 158 -13.96 -0.66 22.96
C ALA A 158 -13.63 -1.61 21.79
N TYR A 159 -13.77 -1.09 20.56
CA TYR A 159 -13.41 -1.87 19.37
C TYR A 159 -11.90 -2.13 19.34
N LEU A 160 -11.11 -1.06 19.48
CA LEU A 160 -9.67 -1.22 19.35
C LEU A 160 -9.00 -2.14 20.42
N GLU A 161 -9.54 -2.18 21.64
CA GLU A 161 -8.98 -2.98 22.74
C GLU A 161 -9.54 -4.40 22.76
N GLY A 162 -10.71 -4.59 22.16
CA GLY A 162 -11.45 -5.83 22.24
C GLY A 162 -11.41 -6.54 20.91
N GLU A 163 -12.42 -6.32 20.08
CA GLU A 163 -12.53 -7.02 18.80
C GLU A 163 -11.29 -6.90 17.92
N CYS A 164 -10.65 -5.73 17.87
CA CYS A 164 -9.50 -5.56 16.95
C CYS A 164 -8.38 -6.54 17.33
N VAL A 165 -8.04 -6.53 18.61
CA VAL A 165 -6.94 -7.36 19.10
C VAL A 165 -7.35 -8.81 19.00
N GLU A 166 -8.59 -9.13 19.40
CA GLU A 166 -9.01 -10.53 19.37
C GLU A 166 -9.06 -11.14 17.98
N TRP A 167 -9.56 -10.38 17.02
CA TRP A 167 -9.55 -10.84 15.64
C TRP A 167 -8.14 -10.87 15.00
N LEU A 168 -7.30 -9.88 15.29
CA LEU A 168 -5.88 -9.92 14.84
C LEU A 168 -5.18 -11.19 15.34
N ARG A 169 -5.34 -11.50 16.63
CA ARG A 169 -4.66 -12.69 17.16
C ARG A 169 -5.15 -13.96 16.47
N ARG A 170 -6.43 -13.99 16.15
CA ARG A 170 -7.02 -15.12 15.45
C ARG A 170 -6.38 -15.28 14.08
N TYR A 171 -6.32 -14.18 13.33
CA TYR A 171 -5.74 -14.20 11.98
C TYR A 171 -4.29 -14.61 12.04
N LEU A 172 -3.57 -14.16 13.06
CA LEU A 172 -2.16 -14.53 13.16
C LEU A 172 -2.05 -16.04 13.34
N GLU A 173 -2.94 -16.61 14.13
CA GLU A 173 -2.91 -18.06 14.40
C GLU A 173 -3.30 -18.87 13.15
N ASN A 174 -4.42 -18.50 12.55
CA ASN A 174 -4.88 -19.13 11.33
C ASN A 174 -3.93 -18.97 10.16
N GLY A 175 -3.23 -17.84 10.08
CA GLY A 175 -2.35 -17.59 8.96
C GLY A 175 -0.87 -17.71 9.33
N LYS A 176 -0.59 -18.45 10.39
CA LYS A 176 0.73 -18.36 11.02
C LYS A 176 1.87 -18.74 10.08
N ASP A 177 1.61 -19.68 9.18
CA ASP A 177 2.61 -20.08 8.21
C ASP A 177 3.00 -18.93 7.27
N LYS A 178 2.06 -18.02 7.02
CA LYS A 178 2.29 -16.93 6.09
C LYS A 178 2.60 -15.62 6.82
N LEU A 179 2.13 -15.50 8.06
CA LEU A 179 2.16 -14.21 8.74
C LEU A 179 3.23 -14.17 9.82
N GLU A 180 3.53 -15.33 10.42
CA GLU A 180 4.46 -15.35 11.54
C GLU A 180 5.86 -15.71 11.14
N ARG A 181 6.07 -16.11 9.89
CA ARG A 181 7.41 -16.56 9.49
C ARG A 181 7.91 -15.76 8.31
N ALA A 182 8.81 -14.83 8.57
CA ALA A 182 9.38 -14.03 7.46
C ALA A 182 9.98 -14.87 6.32
N ASP A 183 9.87 -14.35 5.09
CA ASP A 183 10.44 -14.99 3.93
CA ASP A 183 10.42 -14.99 3.93
C ASP A 183 11.64 -14.17 3.47
N PRO A 184 12.85 -14.75 3.56
CA PRO A 184 14.01 -13.94 3.22
C PRO A 184 14.11 -13.64 1.75
N PRO A 185 14.83 -12.56 1.44
CA PRO A 185 15.04 -12.22 0.05
C PRO A 185 15.94 -13.26 -0.65
N LYS A 186 15.64 -13.45 -1.93
CA LYS A 186 16.58 -14.08 -2.85
C LYS A 186 17.41 -12.93 -3.44
N THR A 187 18.75 -13.10 -3.44
CA THR A 187 19.58 -11.95 -3.75
C THR A 187 20.57 -12.29 -4.88
N HIS A 188 20.96 -11.28 -5.66
CA HIS A 188 22.00 -11.46 -6.70
CA HIS A 188 22.01 -11.47 -6.67
C HIS A 188 22.56 -10.10 -7.05
N VAL A 189 23.81 -10.04 -7.54
CA VAL A 189 24.37 -8.75 -7.96
C VAL A 189 24.54 -8.88 -9.45
N THR A 190 24.09 -7.89 -10.19
CA THR A 190 24.32 -7.86 -11.61
C THR A 190 25.29 -6.73 -11.99
N HIS A 191 25.89 -6.85 -13.18
CA HIS A 191 26.94 -5.92 -13.64
C HIS A 191 26.63 -5.50 -15.08
N HIS A 192 26.65 -4.21 -15.29
CA HIS A 192 26.23 -3.53 -16.54
C HIS A 192 27.30 -2.51 -16.94
N PRO A 193 28.20 -2.89 -17.87
CA PRO A 193 29.09 -1.84 -18.39
C PRO A 193 28.34 -0.65 -18.98
N ILE A 194 28.74 0.56 -18.59
CA ILE A 194 28.28 1.83 -19.16
C ILE A 194 29.23 2.25 -20.33
N SER A 195 30.50 2.03 -20.12
CA SER A 195 31.58 2.44 -21.03
C SER A 195 32.80 1.58 -20.72
N ASP A 196 33.95 1.83 -21.33
CA ASP A 196 35.16 1.07 -21.00
C ASP A 196 35.73 1.43 -19.63
N HIS A 197 35.16 2.46 -18.96
CA HIS A 197 35.75 2.93 -17.71
C HIS A 197 34.81 2.97 -16.52
N GLU A 198 33.52 2.76 -16.78
CA GLU A 198 32.46 2.83 -15.73
C GLU A 198 31.52 1.67 -15.90
N ALA A 199 31.08 1.06 -14.78
CA ALA A 199 30.04 0.04 -14.88
C ALA A 199 29.09 0.20 -13.69
N THR A 200 27.87 -0.33 -13.86
CA THR A 200 26.88 -0.28 -12.77
C THR A 200 26.87 -1.62 -12.07
N LEU A 201 26.97 -1.63 -10.74
CA LEU A 201 26.73 -2.87 -9.97
C LEU A 201 25.30 -2.70 -9.36
N ARG A 202 24.42 -3.69 -9.55
CA ARG A 202 23.06 -3.54 -8.99
C ARG A 202 22.84 -4.74 -8.04
N CYS A 203 22.45 -4.46 -6.79
CA CYS A 203 22.22 -5.49 -5.78
C CYS A 203 20.69 -5.71 -5.70
N TRP A 204 20.22 -6.91 -5.99
CA TRP A 204 18.77 -7.22 -6.05
C TRP A 204 18.33 -7.97 -4.80
N ALA A 205 17.16 -7.61 -4.28
CA ALA A 205 16.49 -8.43 -3.26
C ALA A 205 15.08 -8.72 -3.78
N LEU A 206 14.79 -10.01 -3.94
CA LEU A 206 13.50 -10.43 -4.53
C LEU A 206 12.74 -11.42 -3.64
N GLY A 207 11.41 -11.39 -3.75
CA GLY A 207 10.61 -12.39 -3.10
C GLY A 207 10.58 -12.35 -1.57
N PHE A 208 10.75 -11.17 -0.95
CA PHE A 208 10.87 -11.16 0.52
C PHE A 208 9.55 -10.63 1.15
N TYR A 209 9.36 -11.06 2.37
CA TYR A 209 8.20 -10.63 3.18
C TYR A 209 8.63 -10.70 4.64
N PRO A 210 8.31 -9.66 5.45
CA PRO A 210 7.54 -8.44 5.12
C PRO A 210 8.37 -7.41 4.34
N ALA A 211 7.79 -6.25 4.06
CA ALA A 211 8.43 -5.34 3.14
C ALA A 211 9.66 -4.62 3.71
N GLU A 212 9.78 -4.52 5.05
CA GLU A 212 10.91 -3.81 5.64
C GLU A 212 12.25 -4.49 5.25
N ILE A 213 13.18 -3.69 4.75
CA ILE A 213 14.49 -4.27 4.34
C ILE A 213 15.52 -3.13 4.26
N THR A 214 16.81 -3.46 4.38
CA THR A 214 17.81 -2.44 4.18
C THR A 214 18.84 -3.01 3.22
N LEU A 215 19.15 -2.23 2.20
CA LEU A 215 20.20 -2.60 1.21
C LEU A 215 21.20 -1.47 1.19
N THR A 216 22.49 -1.79 1.29
CA THR A 216 23.50 -0.72 1.29
C THR A 216 24.69 -1.23 0.52
N TRP A 217 25.30 -0.36 -0.26
CA TRP A 217 26.59 -0.69 -0.83
C TRP A 217 27.71 -0.17 0.05
N GLN A 218 28.80 -0.93 0.15
CA GLN A 218 29.98 -0.46 0.83
C GLN A 218 31.17 -0.56 -0.11
N ARG A 219 32.14 0.34 0.08
CA ARG A 219 33.41 0.28 -0.65
C ARG A 219 34.47 0.11 0.41
N ASP A 220 35.26 -0.95 0.25
CA ASP A 220 36.19 -1.32 1.34
C ASP A 220 35.52 -1.20 2.72
N GLY A 221 34.32 -1.73 2.87
CA GLY A 221 33.66 -1.78 4.16
C GLY A 221 33.07 -0.49 4.71
N GLU A 222 33.07 0.59 3.93
CA GLU A 222 32.46 1.84 4.33
C GLU A 222 31.24 2.21 3.46
N ASP A 223 30.16 2.68 4.10
CA ASP A 223 28.90 2.96 3.37
C ASP A 223 29.07 3.97 2.26
N GLN A 224 28.38 3.76 1.13
CA GLN A 224 28.46 4.61 -0.06
C GLN A 224 27.14 5.33 -0.27
N THR A 225 26.67 6.01 0.78
CA THR A 225 25.26 6.44 0.79
C THR A 225 24.95 7.48 -0.26
N GLN A 226 25.85 8.47 -0.33
CA GLN A 226 25.70 9.58 -1.27
C GLN A 226 25.78 9.14 -2.74
N ASP A 227 26.17 7.88 -3.02
CA ASP A 227 26.42 7.50 -4.41
C ASP A 227 25.55 6.32 -4.88
N THR A 228 24.61 5.91 -4.03
CA THR A 228 23.83 4.73 -4.31
C THR A 228 22.45 5.12 -4.88
N GLU A 229 22.03 4.53 -6.01
CA GLU A 229 20.65 4.71 -6.44
C GLU A 229 19.84 3.62 -5.76
N LEU A 230 18.77 4.00 -5.06
CA LEU A 230 17.96 3.00 -4.35
C LEU A 230 16.53 3.15 -4.83
N VAL A 231 15.89 2.09 -5.29
CA VAL A 231 14.46 2.26 -5.67
C VAL A 231 13.57 1.96 -4.46
N GLU A 232 12.39 2.59 -4.48
CA GLU A 232 11.36 2.32 -3.49
CA GLU A 232 11.42 2.29 -3.43
C GLU A 232 11.01 0.85 -3.49
N THR A 233 10.79 0.29 -2.30
CA THR A 233 10.37 -1.13 -2.22
C THR A 233 9.03 -1.27 -2.94
N ARG A 234 8.92 -2.35 -3.72
CA ARG A 234 7.75 -2.48 -4.62
C ARG A 234 7.15 -3.88 -4.55
N PRO A 235 5.86 -3.98 -4.75
CA PRO A 235 5.24 -5.33 -4.66
C PRO A 235 5.46 -6.20 -5.90
N ALA A 236 5.74 -7.48 -5.69
CA ALA A 236 5.96 -8.40 -6.81
C ALA A 236 4.62 -8.81 -7.43
N GLY A 237 3.52 -8.68 -6.66
CA GLY A 237 2.20 -9.07 -7.15
C GLY A 237 1.77 -10.42 -6.57
N ASP A 238 2.67 -11.09 -5.86
CA ASP A 238 2.39 -12.41 -5.27
C ASP A 238 2.42 -12.41 -3.73
N ARG A 239 2.29 -11.21 -3.17
CA ARG A 239 2.35 -10.94 -1.71
C ARG A 239 3.76 -10.69 -1.18
N THR A 240 4.76 -10.85 -2.03
CA THR A 240 6.16 -10.60 -1.66
C THR A 240 6.61 -9.28 -2.31
N PHE A 241 7.81 -8.85 -1.96
CA PHE A 241 8.28 -7.50 -2.33
C PHE A 241 9.69 -7.59 -3.01
N GLN A 242 10.11 -6.49 -3.64
CA GLN A 242 11.37 -6.38 -4.38
C GLN A 242 12.02 -5.06 -4.03
N LYS A 243 13.35 -5.01 -4.11
CA LYS A 243 14.02 -3.72 -4.03
C LYS A 243 15.42 -3.95 -4.68
N TRP A 244 16.03 -2.86 -5.18
CA TRP A 244 17.42 -2.95 -5.59
C TRP A 244 18.14 -1.66 -5.26
N ALA A 245 19.47 -1.78 -5.19
CA ALA A 245 20.33 -0.63 -4.93
C ALA A 245 21.46 -0.75 -5.95
N ALA A 246 21.84 0.39 -6.54
CA ALA A 246 22.92 0.32 -7.56
C ALA A 246 23.99 1.39 -7.30
N VAL A 247 25.21 1.08 -7.74
CA VAL A 247 26.31 2.03 -7.63
CA VAL A 247 26.29 2.02 -7.62
C VAL A 247 27.09 1.98 -8.93
N VAL A 248 27.58 3.16 -9.41
CA VAL A 248 28.44 3.16 -10.58
C VAL A 248 29.89 3.22 -10.09
N VAL A 249 30.70 2.31 -10.63
CA VAL A 249 32.08 2.12 -10.17
C VAL A 249 33.09 2.18 -11.31
N PRO A 250 34.39 2.44 -11.00
CA PRO A 250 35.38 2.36 -12.07
C PRO A 250 35.54 0.89 -12.53
N SER A 251 35.62 0.70 -13.84
CA SER A 251 35.89 -0.66 -14.34
C SER A 251 37.19 -1.22 -13.75
N GLY A 252 37.13 -2.46 -13.30
CA GLY A 252 38.29 -3.09 -12.69
C GLY A 252 38.39 -2.95 -11.18
N GLU A 253 37.56 -2.11 -10.59
CA GLU A 253 37.51 -1.93 -9.13
C GLU A 253 36.29 -2.54 -8.49
N GLU A 254 35.52 -3.34 -9.25
CA GLU A 254 34.32 -3.95 -8.70
C GLU A 254 34.55 -4.73 -7.41
N GLN A 255 35.73 -5.39 -7.31
CA GLN A 255 36.00 -6.29 -6.18
C GLN A 255 36.00 -5.53 -4.86
N ARG A 256 36.12 -4.20 -4.90
CA ARG A 256 36.09 -3.42 -3.66
C ARG A 256 34.71 -3.19 -3.09
N TYR A 257 33.69 -3.62 -3.82
CA TYR A 257 32.32 -3.21 -3.51
C TYR A 257 31.55 -4.42 -2.95
N THR A 258 30.89 -4.24 -1.82
CA THR A 258 30.00 -5.28 -1.30
C THR A 258 28.61 -4.73 -1.00
N CYS A 259 27.58 -5.58 -1.19
CA CYS A 259 26.20 -5.18 -0.91
C CYS A 259 25.78 -5.90 0.37
N HIS A 260 25.19 -5.11 1.29
CA HIS A 260 24.80 -5.66 2.57
C HIS A 260 23.27 -5.66 2.63
N VAL A 261 22.71 -6.79 3.07
CA VAL A 261 21.26 -6.93 3.07
C VAL A 261 20.85 -7.31 4.48
N GLN A 262 19.91 -6.54 5.04
CA GLN A 262 19.32 -6.86 6.33
C GLN A 262 17.81 -7.08 6.15
N HIS A 263 17.33 -8.21 6.65
CA HIS A 263 15.90 -8.56 6.54
C HIS A 263 15.55 -9.56 7.63
N GLU A 264 14.33 -9.47 8.19
CA GLU A 264 13.92 -10.35 9.30
C GLU A 264 13.99 -11.82 8.96
N GLY A 265 13.82 -12.16 7.69
CA GLY A 265 13.85 -13.55 7.26
C GLY A 265 15.24 -14.17 7.13
N LEU A 266 16.30 -13.37 7.12
CA LEU A 266 17.68 -13.88 7.05
C LEU A 266 18.17 -14.35 8.40
N PRO A 267 18.85 -15.48 8.40
CA PRO A 267 19.49 -15.98 9.63
C PRO A 267 20.49 -14.91 10.14
N LYS A 268 21.24 -14.30 9.23
CA LYS A 268 22.18 -13.20 9.56
C LYS A 268 22.26 -12.25 8.39
N PRO A 269 22.68 -11.00 8.62
CA PRO A 269 22.82 -10.06 7.50
C PRO A 269 23.72 -10.66 6.43
N LEU A 270 23.36 -10.49 5.17
CA LEU A 270 24.14 -11.00 4.06
C LEU A 270 25.16 -9.99 3.59
N THR A 271 26.28 -10.50 3.10
CA THR A 271 27.26 -9.71 2.35
C THR A 271 27.37 -10.35 0.97
N LEU A 272 27.09 -9.59 -0.08
CA LEU A 272 27.07 -10.06 -1.49
CA LEU A 272 27.17 -10.12 -1.44
C LEU A 272 28.12 -9.32 -2.30
N ARG A 273 28.66 -9.96 -3.37
CA ARG A 273 29.59 -9.29 -4.28
CA ARG A 273 29.59 -9.30 -4.28
C ARG A 273 29.21 -9.71 -5.69
N TRP A 274 29.81 -9.06 -6.69
CA TRP A 274 29.59 -9.49 -8.08
C TRP A 274 30.27 -10.85 -8.29
N GLU A 275 29.47 -11.91 -8.47
CA GLU A 275 30.04 -13.24 -8.59
C GLU A 275 29.05 -14.20 -9.18
N ILE B 1 -4.78 19.30 -2.00
CA ILE B 1 -3.48 18.54 -2.06
C ILE B 1 -3.37 17.94 -3.44
N GLN B 2 -2.22 18.06 -4.08
CA GLN B 2 -1.94 17.22 -5.25
C GLN B 2 -0.56 16.69 -5.03
N ARG B 3 -0.40 15.40 -5.26
CA ARG B 3 0.91 14.81 -5.18
CA ARG B 3 0.89 14.71 -5.13
C ARG B 3 1.14 13.95 -6.43
N THR B 4 2.32 14.14 -7.00
CA THR B 4 2.68 13.52 -8.30
C THR B 4 3.03 12.02 -8.11
N PRO B 5 2.48 11.12 -8.96
CA PRO B 5 2.77 9.70 -8.74
C PRO B 5 4.26 9.33 -9.04
N LYS B 6 4.82 8.43 -8.24
CA LYS B 6 6.05 7.70 -8.61
C LYS B 6 5.62 6.53 -9.43
N ILE B 7 6.46 6.12 -10.38
CA ILE B 7 6.11 5.02 -11.29
C ILE B 7 7.29 4.08 -11.40
N GLN B 8 7.05 2.78 -11.19
CA GLN B 8 8.06 1.78 -11.55
C GLN B 8 7.46 0.69 -12.40
N VAL B 9 8.17 0.29 -13.47
CA VAL B 9 7.69 -0.78 -14.34
C VAL B 9 8.70 -1.90 -14.25
N TYR B 10 8.23 -3.15 -14.10
CA TYR B 10 9.18 -4.23 -13.81
C TYR B 10 8.44 -5.55 -13.95
N SER B 11 9.16 -6.64 -13.95
CA SER B 11 8.57 -7.98 -14.01
C SER B 11 8.53 -8.65 -12.64
N ARG B 12 7.52 -9.50 -12.42
CA ARG B 12 7.41 -10.26 -11.16
C ARG B 12 8.64 -11.15 -10.87
N HIS B 13 9.11 -11.86 -11.89
CA HIS B 13 10.26 -12.76 -11.86
C HIS B 13 11.28 -12.21 -12.81
N PRO B 14 12.59 -12.53 -12.59
CA PRO B 14 13.63 -12.13 -13.55
C PRO B 14 13.23 -12.58 -14.94
N ALA B 15 13.31 -11.68 -15.90
CA ALA B 15 12.91 -12.02 -17.25
C ALA B 15 13.75 -13.13 -17.92
N GLU B 16 13.05 -14.01 -18.62
CA GLU B 16 13.70 -15.05 -19.44
C GLU B 16 12.87 -15.18 -20.69
N ASN B 17 13.49 -14.90 -21.84
CA ASN B 17 12.75 -14.88 -23.10
C ASN B 17 12.01 -16.19 -23.33
N GLY B 18 10.74 -16.08 -23.71
CA GLY B 18 9.94 -17.28 -23.93
C GLY B 18 9.38 -17.93 -22.67
N LYS B 19 9.60 -17.33 -21.50
CA LYS B 19 9.02 -17.88 -20.29
C LYS B 19 7.96 -16.94 -19.71
N SER B 20 6.78 -17.50 -19.47
CA SER B 20 5.67 -16.79 -18.90
C SER B 20 6.04 -16.05 -17.59
N ASN B 21 5.55 -14.81 -17.43
CA ASN B 21 5.88 -13.92 -16.30
C ASN B 21 4.69 -12.94 -16.04
N PHE B 22 4.90 -11.95 -15.17
CA PHE B 22 3.96 -10.87 -15.04
C PHE B 22 4.68 -9.55 -15.22
N LEU B 23 4.03 -8.67 -15.98
CA LEU B 23 4.46 -7.31 -16.14
C LEU B 23 3.69 -6.42 -15.17
N ASN B 24 4.43 -5.66 -14.35
CA ASN B 24 3.87 -4.83 -13.28
C ASN B 24 4.15 -3.34 -13.56
N CYS B 25 3.16 -2.50 -13.30
CA CYS B 25 3.40 -1.07 -13.22
C CYS B 25 2.86 -0.62 -11.86
N TYR B 26 3.74 -0.15 -10.97
CA TYR B 26 3.39 0.26 -9.62
C TYR B 26 3.37 1.76 -9.58
N VAL B 27 2.21 2.34 -9.25
CA VAL B 27 2.09 3.81 -9.15
CA VAL B 27 2.09 3.77 -9.20
C VAL B 27 1.84 4.13 -7.71
N SER B 28 2.56 5.11 -7.17
CA SER B 28 2.41 5.35 -5.73
C SER B 28 2.69 6.78 -5.34
N GLY B 29 2.35 7.13 -4.11
CA GLY B 29 2.59 8.45 -3.56
C GLY B 29 1.73 9.55 -4.20
N PHE B 30 0.56 9.19 -4.76
CA PHE B 30 -0.23 10.22 -5.49
C PHE B 30 -1.46 10.67 -4.77
N HIS B 31 -1.97 11.84 -5.16
CA HIS B 31 -3.26 12.33 -4.64
C HIS B 31 -3.67 13.42 -5.63
N PRO B 32 -4.97 13.46 -6.00
CA PRO B 32 -6.10 12.63 -5.64
C PRO B 32 -6.05 11.28 -6.31
N SER B 33 -6.99 10.39 -5.97
CA SER B 33 -6.86 8.99 -6.42
C SER B 33 -7.23 8.74 -7.86
N ASP B 34 -7.88 9.70 -8.52
CA ASP B 34 -8.23 9.50 -9.94
CA ASP B 34 -8.23 9.54 -9.95
C ASP B 34 -6.95 9.39 -10.76
N ILE B 35 -6.75 8.25 -11.45
CA ILE B 35 -5.50 8.08 -12.23
C ILE B 35 -5.81 7.09 -13.35
N GLU B 36 -5.13 7.25 -14.47
CA GLU B 36 -5.28 6.34 -15.59
C GLU B 36 -3.92 5.70 -15.84
N VAL B 37 -3.90 4.37 -15.87
CA VAL B 37 -2.64 3.61 -16.07
C VAL B 37 -2.91 2.55 -17.13
N ASP B 38 -2.16 2.63 -18.22
CA ASP B 38 -2.22 1.63 -19.28
C ASP B 38 -0.86 0.91 -19.42
N LEU B 39 -0.89 -0.40 -19.63
CA LEU B 39 0.30 -1.15 -20.03
C LEU B 39 0.28 -1.26 -21.56
N LEU B 40 1.44 -1.04 -22.15
CA LEU B 40 1.59 -1.00 -23.60
C LEU B 40 2.56 -2.08 -24.08
N LYS B 41 2.17 -2.74 -25.16
CA LYS B 41 3.05 -3.69 -25.85
C LYS B 41 3.28 -3.12 -27.25
N ASN B 42 4.53 -2.84 -27.57
CA ASN B 42 4.87 -2.23 -28.83
C ASN B 42 4.03 -0.99 -29.14
N GLY B 43 3.84 -0.17 -28.10
CA GLY B 43 3.06 1.05 -28.19
C GLY B 43 1.54 0.87 -28.15
N GLU B 44 1.03 -0.36 -28.17
CA GLU B 44 -0.44 -0.52 -28.17
C GLU B 44 -0.96 -0.92 -26.81
N ARG B 45 -2.16 -0.46 -26.47
CA ARG B 45 -2.70 -0.78 -25.18
C ARG B 45 -2.99 -2.28 -25.03
N ILE B 46 -2.59 -2.84 -23.89
CA ILE B 46 -2.86 -4.25 -23.61
C ILE B 46 -4.24 -4.29 -22.95
N GLU B 47 -5.09 -5.22 -23.38
CA GLU B 47 -6.48 -5.24 -22.92
C GLU B 47 -6.74 -5.94 -21.61
N LYS B 48 -6.04 -7.01 -21.34
CA LYS B 48 -6.47 -7.73 -20.14
C LYS B 48 -5.56 -7.31 -19.01
N VAL B 49 -5.80 -6.11 -18.46
CA VAL B 49 -4.93 -5.64 -17.38
C VAL B 49 -5.72 -5.50 -16.10
N GLU B 50 -5.18 -6.10 -15.04
CA GLU B 50 -5.84 -6.05 -13.74
C GLU B 50 -5.13 -5.05 -12.86
N HIS B 51 -5.76 -4.75 -11.76
CA HIS B 51 -5.11 -3.86 -10.80
C HIS B 51 -5.49 -4.23 -9.38
N SER B 52 -4.62 -3.85 -8.46
CA SER B 52 -4.86 -4.03 -7.04
C SER B 52 -5.99 -3.11 -6.57
N ASP B 53 -6.48 -3.44 -5.38
CA ASP B 53 -7.51 -2.64 -4.74
C ASP B 53 -6.90 -1.31 -4.21
N LEU B 54 -7.57 -0.19 -4.47
CA LEU B 54 -7.06 1.14 -4.00
C LEU B 54 -6.73 1.14 -2.47
N SER B 55 -5.48 1.49 -2.18
CA SER B 55 -4.90 1.47 -0.83
CA SER B 55 -4.98 1.53 -0.81
C SER B 55 -4.11 2.76 -0.66
N PHE B 56 -3.64 3.01 0.53
CA PHE B 56 -2.86 4.24 0.77
C PHE B 56 -1.90 4.05 1.91
N SER B 57 -0.92 4.93 1.91
CA SER B 57 0.15 4.89 2.90
C SER B 57 -0.14 5.72 4.14
N LYS B 58 0.78 5.70 5.09
CA LYS B 58 0.49 6.44 6.35
C LYS B 58 0.35 7.95 6.17
N ASP B 59 0.95 8.53 5.11
CA ASP B 59 0.84 9.93 4.75
C ASP B 59 -0.38 10.26 3.86
N TRP B 60 -1.23 9.26 3.71
CA TRP B 60 -2.54 9.31 2.99
C TRP B 60 -2.37 9.22 1.45
N SER B 61 -1.13 9.11 0.95
CA SER B 61 -0.95 9.07 -0.51
C SER B 61 -1.32 7.67 -1.02
N PHE B 62 -1.95 7.64 -2.20
CA PHE B 62 -2.42 6.37 -2.72
C PHE B 62 -1.39 5.52 -3.46
N TYR B 63 -1.65 4.23 -3.55
CA TYR B 63 -0.82 3.36 -4.41
C TYR B 63 -1.66 2.25 -5.08
N LEU B 64 -1.28 1.86 -6.29
CA LEU B 64 -1.95 0.85 -7.06
C LEU B 64 -0.88 0.04 -7.83
N LEU B 65 -1.13 -1.26 -7.94
CA LEU B 65 -0.28 -2.10 -8.81
C LEU B 65 -1.14 -2.55 -10.00
N TYR B 66 -0.69 -2.22 -11.23
CA TYR B 66 -1.37 -2.69 -12.44
C TYR B 66 -0.51 -3.83 -13.01
N TYR B 67 -1.15 -4.89 -13.49
CA TYR B 67 -0.34 -6.08 -13.86
C TYR B 67 -1.02 -6.89 -14.95
N THR B 68 -0.19 -7.60 -15.73
CA THR B 68 -0.74 -8.49 -16.75
C THR B 68 0.22 -9.69 -16.92
N GLU B 69 -0.32 -10.85 -17.27
CA GLU B 69 0.55 -11.97 -17.59
C GLU B 69 1.21 -11.66 -18.95
N PHE B 70 2.52 -11.93 -19.09
CA PHE B 70 3.20 -11.81 -20.39
C PHE B 70 4.35 -12.77 -20.52
N THR B 71 4.75 -12.98 -21.78
CA THR B 71 5.93 -13.77 -22.09
C THR B 71 6.93 -12.85 -22.81
N PRO B 72 7.97 -12.41 -22.09
CA PRO B 72 8.98 -11.55 -22.73
C PRO B 72 9.67 -12.23 -23.93
N THR B 73 10.06 -11.43 -24.91
CA THR B 73 10.87 -11.88 -26.05
C THR B 73 11.99 -10.88 -26.24
N GLU B 74 12.88 -11.19 -27.19
CA GLU B 74 13.98 -10.28 -27.53
C GLU B 74 13.46 -8.93 -28.02
N LYS B 75 12.51 -8.96 -28.94
CA LYS B 75 12.09 -7.80 -29.71
C LYS B 75 10.96 -6.99 -29.11
N ASP B 76 10.03 -7.62 -28.38
CA ASP B 76 8.82 -6.92 -27.91
C ASP B 76 9.16 -5.86 -26.88
N GLU B 77 8.60 -4.67 -27.04
CA GLU B 77 8.85 -3.56 -26.13
C GLU B 77 7.63 -3.34 -25.25
N TYR B 78 7.84 -3.12 -23.95
CA TYR B 78 6.71 -2.92 -23.05
C TYR B 78 6.90 -1.61 -22.32
N ALA B 79 5.79 -0.99 -21.93
CA ALA B 79 5.89 0.26 -21.19
C ALA B 79 4.63 0.48 -20.36
N CYS B 80 4.67 1.48 -19.50
CA CYS B 80 3.49 1.85 -18.72
C CYS B 80 3.24 3.31 -18.98
N ARG B 81 1.97 3.69 -19.21
CA ARG B 81 1.62 5.09 -19.48
C ARG B 81 0.65 5.60 -18.42
N VAL B 82 1.01 6.72 -17.79
CA VAL B 82 0.19 7.20 -16.67
C VAL B 82 -0.32 8.60 -16.92
N ASN B 83 -1.60 8.83 -16.68
CA ASN B 83 -2.16 10.20 -16.70
C ASN B 83 -2.72 10.51 -15.33
N HIS B 84 -2.48 11.75 -14.89
CA HIS B 84 -2.90 12.19 -13.53
C HIS B 84 -2.94 13.72 -13.58
N VAL B 85 -3.72 14.34 -12.70
CA VAL B 85 -3.88 15.80 -12.78
C VAL B 85 -2.54 16.54 -12.62
N THR B 86 -1.60 15.91 -11.90
CA THR B 86 -0.29 16.52 -11.65
C THR B 86 0.63 16.46 -12.88
N LEU B 87 0.26 15.67 -13.92
CA LEU B 87 1.14 15.45 -15.08
C LEU B 87 0.68 16.28 -16.29
N SER B 88 1.50 17.22 -16.72
CA SER B 88 1.07 18.01 -17.86
C SER B 88 1.15 17.26 -19.20
N GLN B 89 1.87 16.15 -19.25
CA GLN B 89 1.74 15.25 -20.41
C GLN B 89 1.74 13.84 -19.82
N PRO B 90 1.29 12.82 -20.60
CA PRO B 90 1.30 11.44 -20.07
C PRO B 90 2.75 11.03 -19.78
N LYS B 91 2.96 10.35 -18.68
CA LYS B 91 4.32 9.88 -18.32
C LYS B 91 4.40 8.46 -18.83
N ILE B 92 5.41 8.22 -19.70
CA ILE B 92 5.58 6.90 -20.22
C ILE B 92 6.93 6.37 -19.70
N VAL B 93 6.87 5.22 -19.02
CA VAL B 93 8.09 4.56 -18.50
C VAL B 93 8.23 3.24 -19.20
N LYS B 94 9.36 3.07 -19.89
CA LYS B 94 9.66 1.84 -20.61
C LYS B 94 10.10 0.71 -19.64
N TRP B 95 9.65 -0.52 -19.90
CA TRP B 95 10.16 -1.67 -19.18
C TRP B 95 11.62 -1.94 -19.59
N ASP B 96 12.48 -2.14 -18.57
CA ASP B 96 13.88 -2.50 -18.75
C ASP B 96 14.10 -3.71 -17.87
N ARG B 97 14.42 -4.84 -18.48
CA ARG B 97 14.54 -6.07 -17.68
C ARG B 97 15.68 -6.01 -16.65
N ASP B 98 16.57 -5.04 -16.75
CA ASP B 98 17.65 -4.92 -15.77
C ASP B 98 17.27 -3.95 -14.62
N MET B 99 15.99 -3.55 -14.56
CA MET B 99 15.49 -2.61 -13.52
C MET B 99 14.15 -3.00 -12.96
N ARG C 1 -11.64 -8.21 11.65
CA ARG C 1 -12.99 -7.83 11.19
C ARG C 1 -13.21 -6.32 11.46
N PRO C 2 -13.96 -5.64 10.58
CA PRO C 2 -14.10 -4.16 10.73
C PRO C 2 -15.02 -3.75 11.87
N HIS C 3 -14.95 -2.47 12.20
CA HIS C 3 -15.80 -1.92 13.23
C HIS C 3 -17.23 -1.66 12.69
N GLU C 4 -18.22 -1.80 13.55
CA GLU C 4 -19.64 -1.55 13.20
C GLU C 4 -20.10 -0.17 13.63
N ARG C 5 -21.23 0.32 13.09
CA ARG C 5 -21.95 1.48 13.64
C ARG C 5 -23.18 0.89 14.38
N ASN C 6 -23.57 1.37 15.57
CA ASN C 6 -23.18 2.65 16.18
C ASN C 6 -21.80 2.71 16.85
N GLY C 7 -21.47 3.88 17.39
CA GLY C 7 -20.07 4.27 17.49
C GLY C 7 -19.62 4.56 16.07
N PHE C 8 -18.56 5.34 15.88
CA PHE C 8 -18.07 5.63 14.51
C PHE C 8 -19.11 6.37 13.67
N THR C 9 -19.65 7.44 14.23
CA THR C 9 -20.74 8.16 13.59
C THR C 9 -20.21 9.22 12.59
N VAL C 10 -21.16 9.91 11.96
CA VAL C 10 -20.87 10.87 10.92
CA VAL C 10 -20.84 10.87 10.91
C VAL C 10 -19.94 12.00 11.41
N LEU C 11 -19.06 12.47 10.50
CA LEU C 11 -18.25 13.66 10.78
C LEU C 11 -19.10 14.93 10.90
#